data_6ES4
#
_entry.id   6ES4
#
_cell.length_a   33.783
_cell.length_b   128.528
_cell.length_c   79.585
_cell.angle_alpha   90.000
_cell.angle_beta   101.120
_cell.angle_gamma   90.000
#
_symmetry.space_group_name_H-M   'P 1 21 1'
#
loop_
_entity.id
_entity.type
_entity.pdbx_description
1 polymer 'Syncrip, isoform K'
2 non-polymer 'SULFATE ION'
3 non-polymer 1,2-ETHANEDIOL
4 water water
#
_entity_poly.entity_id   1
_entity_poly.type   'polypeptide(L)'
_entity_poly.pdbx_seq_one_letter_code
;GERTEDYPKLLEYGLDKKVAGKLDEIYKTGKLAHAELDERALDALKEFPVDGALNVLGQFLESNLEHVSNKSAYLCGVMK
TYRQKSRASQQGVAAPATVKGPDEDKIKKILERTGYTLDVTTGQRKYGGPPPHWEGNVPGNGCEVFCGKIPKDMYEDELI
PLFEN(CME)GIIWDLRLMMDPMTGTNRGYAFVTFTNREAAVNAVRQLDNHEIKPGKCLKINISVP
;
_entity_poly.pdbx_strand_id   A,B
#
# COMPACT_ATOMS: atom_id res chain seq x y z
N GLY A 1 -37.64 9.70 -28.55
CA GLY A 1 -37.02 10.35 -29.70
C GLY A 1 -36.73 9.37 -30.83
N GLU A 2 -35.93 9.83 -31.79
CA GLU A 2 -35.57 9.00 -32.94
C GLU A 2 -34.66 7.84 -32.52
N ARG A 3 -34.47 6.89 -33.41
CA ARG A 3 -33.65 5.72 -33.12
C ARG A 3 -32.24 5.85 -33.67
N THR A 4 -31.28 5.16 -33.04
CA THR A 4 -29.88 5.30 -33.39
C THR A 4 -29.56 4.66 -34.74
N GLU A 5 -28.35 4.94 -35.24
CA GLU A 5 -27.92 4.44 -36.54
C GLU A 5 -27.57 2.95 -36.49
N ASP A 6 -27.55 2.38 -35.29
CA ASP A 6 -27.26 0.97 -35.13
C ASP A 6 -28.53 0.13 -35.08
N TYR A 7 -29.67 0.80 -34.97
CA TYR A 7 -30.97 0.13 -34.96
C TYR A 7 -31.20 -0.71 -36.22
N PRO A 8 -31.00 -0.13 -37.42
CA PRO A 8 -31.21 -0.99 -38.59
C PRO A 8 -30.20 -2.12 -38.70
N LYS A 9 -29.01 -1.92 -38.14
CA LYS A 9 -27.98 -2.96 -38.14
C LYS A 9 -28.44 -4.15 -37.33
N LEU A 10 -29.15 -3.89 -36.24
CA LEU A 10 -29.68 -4.95 -35.40
C LEU A 10 -30.78 -5.71 -36.13
N LEU A 11 -31.62 -4.97 -36.84
CA LEU A 11 -32.70 -5.57 -37.62
C LEU A 11 -32.16 -6.40 -38.78
N GLU A 12 -31.09 -5.92 -39.40
CA GLU A 12 -30.43 -6.68 -40.47
C GLU A 12 -29.89 -7.99 -39.95
N TYR A 13 -29.47 -8.00 -38.69
CA TYR A 13 -28.86 -9.17 -38.08
C TYR A 13 -29.90 -10.25 -37.78
N GLY A 14 -31.17 -9.87 -37.83
CA GLY A 14 -32.25 -10.82 -37.65
C GLY A 14 -32.91 -10.75 -36.28
N LEU A 15 -32.46 -9.81 -35.46
CA LEU A 15 -33.08 -9.61 -34.15
C LEU A 15 -34.55 -9.24 -34.31
N ASP A 16 -35.40 -9.85 -33.49
CA ASP A 16 -36.81 -9.50 -33.45
C ASP A 16 -36.95 -8.00 -33.20
N LYS A 17 -37.86 -7.36 -33.94
CA LYS A 17 -38.02 -5.91 -33.90
C LYS A 17 -38.18 -5.35 -32.49
N LYS A 18 -38.92 -6.06 -31.65
CA LYS A 18 -39.15 -5.62 -30.27
C LYS A 18 -37.85 -5.70 -29.45
N VAL A 19 -37.11 -6.78 -29.63
CA VAL A 19 -35.84 -6.96 -28.94
C VAL A 19 -34.82 -5.92 -29.40
N ALA A 20 -34.74 -5.72 -30.71
CA ALA A 20 -33.84 -4.74 -31.30
C ALA A 20 -34.19 -3.33 -30.81
N GLY A 21 -35.48 -3.09 -30.60
CA GLY A 21 -35.94 -1.81 -30.08
C GLY A 21 -35.42 -1.54 -28.68
N LYS A 22 -35.57 -2.53 -27.81
CA LYS A 22 -35.12 -2.40 -26.42
C LYS A 22 -33.60 -2.27 -26.34
N LEU A 23 -32.90 -3.05 -27.15
CA LEU A 23 -31.44 -3.01 -27.17
C LEU A 23 -30.95 -1.65 -27.64
N ASP A 24 -31.62 -1.10 -28.65
CA ASP A 24 -31.28 0.22 -29.16
C ASP A 24 -31.56 1.31 -28.13
N GLU A 25 -32.56 1.07 -27.29
CA GLU A 25 -32.88 1.99 -26.21
C GLU A 25 -31.75 1.98 -25.18
N ILE A 26 -31.20 0.80 -24.93
CA ILE A 26 -30.05 0.66 -24.04
C ILE A 26 -28.84 1.39 -24.63
N TYR A 27 -28.68 1.31 -25.94
CA TYR A 27 -27.63 2.04 -26.65
C TYR A 27 -27.70 3.54 -26.35
N LYS A 28 -28.91 4.08 -26.39
CA LYS A 28 -29.14 5.52 -26.21
C LYS A 28 -28.68 6.02 -24.85
N THR A 29 -28.90 5.21 -23.82
CA THR A 29 -28.58 5.60 -22.45
C THR A 29 -27.07 5.75 -22.23
N GLY A 30 -26.28 5.12 -23.10
CA GLY A 30 -24.84 5.21 -23.00
C GLY A 30 -24.24 4.08 -22.18
N LYS A 31 -25.12 3.27 -21.58
CA LYS A 31 -24.68 2.11 -20.79
C LYS A 31 -24.02 1.06 -21.67
N LEU A 32 -24.22 1.18 -22.99
CA LEU A 32 -23.72 0.20 -23.94
C LEU A 32 -23.63 0.80 -25.33
N ALA A 33 -22.62 0.38 -26.08
CA ALA A 33 -22.48 0.79 -27.48
C ALA A 33 -22.55 -0.42 -28.40
N HIS A 34 -23.03 -0.22 -29.62
CA HIS A 34 -23.12 -1.29 -30.61
C HIS A 34 -21.76 -1.90 -30.88
N ALA A 35 -20.72 -1.08 -30.78
CA ALA A 35 -19.35 -1.54 -30.97
C ALA A 35 -18.95 -2.51 -29.86
N GLU A 36 -19.50 -2.30 -28.66
CA GLU A 36 -19.13 -3.12 -27.51
C GLU A 36 -19.64 -4.56 -27.62
N LEU A 37 -20.88 -4.73 -28.07
CA LEU A 37 -21.45 -6.06 -28.21
C LEU A 37 -20.93 -6.78 -29.45
N ASP A 38 -20.38 -7.97 -29.27
CA ASP A 38 -19.87 -8.75 -30.39
C ASP A 38 -20.92 -9.75 -30.86
N GLU A 39 -20.65 -10.39 -32.00
CA GLU A 39 -21.63 -11.27 -32.64
C GLU A 39 -22.02 -12.47 -31.78
N ARG A 40 -21.09 -12.92 -30.94
CA ARG A 40 -21.36 -14.06 -30.06
C ARG A 40 -22.50 -13.74 -29.08
N ALA A 41 -22.51 -12.51 -28.58
CA ALA A 41 -23.54 -12.08 -27.65
C ALA A 41 -24.89 -11.92 -28.34
N LEU A 42 -24.87 -11.41 -29.57
CA LEU A 42 -26.10 -11.19 -30.34
C LEU A 42 -26.77 -12.50 -30.74
N ASP A 43 -25.97 -13.48 -31.15
CA ASP A 43 -26.49 -14.79 -31.52
C ASP A 43 -27.18 -15.44 -30.34
N ALA A 44 -26.54 -15.38 -29.17
CA ALA A 44 -27.11 -15.91 -27.94
C ALA A 44 -28.42 -15.20 -27.61
N LEU A 45 -28.47 -13.91 -27.89
CA LEU A 45 -29.67 -13.13 -27.67
C LEU A 45 -30.77 -13.52 -28.66
N LYS A 46 -30.39 -13.83 -29.89
CA LYS A 46 -31.36 -14.19 -30.92
C LYS A 46 -32.02 -15.54 -30.66
N GLU A 47 -31.29 -16.45 -30.02
CA GLU A 47 -31.83 -17.77 -29.71
C GLU A 47 -32.89 -17.69 -28.61
N PHE A 48 -32.92 -16.57 -27.90
CA PHE A 48 -33.89 -16.36 -26.83
C PHE A 48 -35.28 -16.09 -27.39
N PRO A 49 -36.32 -16.62 -26.72
CA PRO A 49 -37.70 -16.21 -27.00
C PRO A 49 -37.85 -14.71 -26.76
N VAL A 50 -38.76 -14.06 -27.46
CA VAL A 50 -38.91 -12.60 -27.37
C VAL A 50 -39.16 -12.15 -25.93
N ASP A 51 -40.07 -12.84 -25.23
CA ASP A 51 -40.38 -12.51 -23.86
C ASP A 51 -39.15 -12.69 -22.96
N GLY A 52 -38.35 -13.71 -23.26
CA GLY A 52 -37.15 -13.98 -22.50
C GLY A 52 -36.03 -13.01 -22.82
N ALA A 53 -35.85 -12.73 -24.10
CA ALA A 53 -34.83 -11.78 -24.55
C ALA A 53 -35.10 -10.39 -23.98
N LEU A 54 -36.36 -9.99 -23.95
CA LEU A 54 -36.72 -8.67 -23.45
C LEU A 54 -36.41 -8.47 -21.97
N ASN A 55 -36.53 -9.54 -21.18
CA ASN A 55 -36.27 -9.47 -19.75
C ASN A 55 -34.79 -9.52 -19.43
N VAL A 56 -34.04 -10.26 -20.26
CA VAL A 56 -32.59 -10.27 -20.17
C VAL A 56 -32.07 -8.84 -20.37
N LEU A 57 -32.62 -8.16 -21.38
CA LEU A 57 -32.27 -6.78 -21.65
C LEU A 57 -32.76 -5.86 -20.53
N GLY A 58 -33.89 -6.21 -19.94
CA GLY A 58 -34.44 -5.44 -18.84
C GLY A 58 -33.55 -5.51 -17.61
N GLN A 59 -33.08 -6.72 -17.31
CA GLN A 59 -32.18 -6.93 -16.19
C GLN A 59 -30.84 -6.26 -16.44
N PHE A 60 -30.40 -6.27 -17.70
CA PHE A 60 -29.16 -5.61 -18.08
C PHE A 60 -29.29 -4.10 -17.91
N LEU A 61 -30.44 -3.58 -18.32
CA LEU A 61 -30.72 -2.15 -18.19
C LEU A 61 -30.66 -1.71 -16.73
N GLU A 62 -31.19 -2.55 -15.84
CA GLU A 62 -31.29 -2.21 -14.43
C GLU A 62 -30.04 -2.54 -13.63
N SER A 63 -29.03 -3.09 -14.30
CA SER A 63 -27.80 -3.51 -13.62
C SER A 63 -26.86 -2.35 -13.37
N ASN A 64 -26.07 -2.46 -12.30
CA ASN A 64 -25.03 -1.50 -12.00
C ASN A 64 -23.82 -1.76 -12.90
N LEU A 65 -23.71 -1.01 -13.99
CA LEU A 65 -22.68 -1.25 -14.99
C LEU A 65 -21.44 -0.41 -14.79
N GLU A 66 -21.38 0.29 -13.66
CA GLU A 66 -20.17 1.02 -13.29
C GLU A 66 -19.01 0.04 -13.11
N HIS A 67 -17.86 0.39 -13.70
CA HIS A 67 -16.63 -0.39 -13.59
C HIS A 67 -16.72 -1.76 -14.24
N VAL A 68 -17.65 -1.92 -15.18
CA VAL A 68 -17.72 -3.14 -15.97
C VAL A 68 -16.96 -2.92 -17.28
N SER A 69 -15.80 -3.55 -17.40
CA SER A 69 -14.95 -3.36 -18.57
C SER A 69 -15.45 -4.15 -19.78
N ASN A 70 -16.11 -5.28 -19.52
CA ASN A 70 -16.56 -6.16 -20.59
C ASN A 70 -18.08 -6.31 -20.62
N LYS A 71 -18.74 -5.38 -21.30
CA LYS A 71 -20.20 -5.36 -21.36
C LYS A 71 -20.77 -6.59 -22.07
N SER A 72 -20.07 -7.08 -23.09
CA SER A 72 -20.50 -8.26 -23.82
C SER A 72 -20.59 -9.48 -22.90
N ALA A 73 -19.52 -9.71 -22.14
CA ALA A 73 -19.49 -10.84 -21.21
C ALA A 73 -20.51 -10.64 -20.09
N TYR A 74 -20.80 -9.39 -19.76
CA TYR A 74 -21.80 -9.09 -18.74
C TYR A 74 -23.17 -9.48 -19.24
N LEU A 75 -23.47 -9.10 -20.48
CA LEU A 75 -24.75 -9.45 -21.08
C LEU A 75 -24.93 -10.96 -21.17
N CYS A 76 -23.86 -11.65 -21.55
CA CYS A 76 -23.89 -13.11 -21.64
C CYS A 76 -24.08 -13.74 -20.27
N GLY A 77 -23.53 -13.11 -19.24
CA GLY A 77 -23.66 -13.60 -17.88
C GLY A 77 -25.10 -13.53 -17.41
N VAL A 78 -25.78 -12.44 -17.79
CA VAL A 78 -27.19 -12.27 -17.46
C VAL A 78 -28.04 -13.33 -18.16
N MET A 79 -27.70 -13.63 -19.41
CA MET A 79 -28.42 -14.61 -20.21
C MET A 79 -28.28 -16.01 -19.63
N LYS A 80 -27.06 -16.40 -19.28
CA LYS A 80 -26.82 -17.73 -18.70
C LYS A 80 -27.50 -17.88 -17.34
N THR A 81 -27.71 -16.75 -16.67
CA THR A 81 -28.40 -16.76 -15.38
C THR A 81 -29.90 -16.88 -15.58
N TYR A 82 -30.42 -16.26 -16.63
CA TYR A 82 -31.86 -16.28 -16.90
C TYR A 82 -32.35 -17.68 -17.20
N ARG A 83 -31.56 -18.45 -17.95
CA ARG A 83 -31.92 -19.84 -18.23
C ARG A 83 -31.60 -20.73 -17.02
N GLN A 84 -32.17 -20.38 -15.87
CA GLN A 84 -31.96 -21.12 -14.64
C GLN A 84 -33.09 -20.86 -13.65
N LYS A 100 -28.45 -0.92 -6.07
CA LYS A 100 -27.55 -1.89 -5.46
C LYS A 100 -26.12 -1.70 -5.93
N GLY A 101 -25.25 -1.32 -4.98
CA GLY A 101 -23.85 -1.07 -5.27
C GLY A 101 -23.22 -0.26 -4.18
N PRO A 102 -21.91 0.01 -4.31
CA PRO A 102 -21.22 0.81 -3.29
C PRO A 102 -21.58 2.30 -3.37
N ASP A 103 -21.32 3.03 -2.31
CA ASP A 103 -21.34 4.49 -2.36
C ASP A 103 -20.24 4.91 -3.35
N GLU A 104 -20.65 5.46 -4.48
CA GLU A 104 -19.71 5.74 -5.57
C GLU A 104 -18.74 6.86 -5.22
N ASP A 105 -19.13 7.74 -4.31
CA ASP A 105 -18.23 8.79 -3.83
C ASP A 105 -17.10 8.19 -2.99
N LYS A 106 -17.42 7.16 -2.22
CA LYS A 106 -16.40 6.43 -1.47
C LYS A 106 -15.44 5.69 -2.40
N ILE A 107 -16.00 5.01 -3.40
CA ILE A 107 -15.20 4.26 -4.36
C ILE A 107 -14.24 5.19 -5.12
N LYS A 108 -14.76 6.32 -5.57
CA LYS A 108 -13.97 7.29 -6.31
C LYS A 108 -12.76 7.76 -5.51
N LYS A 109 -12.96 8.01 -4.22
CA LYS A 109 -11.87 8.44 -3.35
C LYS A 109 -10.84 7.32 -3.19
N ILE A 110 -11.31 6.11 -2.88
CA ILE A 110 -10.42 4.97 -2.73
C ILE A 110 -9.58 4.75 -3.99
N LEU A 111 -10.24 4.69 -5.13
CA LEU A 111 -9.55 4.47 -6.40
C LEU A 111 -8.57 5.60 -6.71
N GLU A 112 -8.93 6.83 -6.34
CA GLU A 112 -8.06 7.97 -6.56
C GLU A 112 -6.77 7.92 -5.74
N ARG A 113 -6.88 7.55 -4.46
CA ARG A 113 -5.74 7.60 -3.56
CA ARG A 113 -5.73 7.60 -3.56
C ARG A 113 -4.81 6.39 -3.72
N THR A 114 -5.35 5.27 -4.20
CA THR A 114 -4.54 4.07 -4.37
C THR A 114 -4.16 3.83 -5.83
N GLY A 115 -4.99 4.33 -6.74
CA GLY A 115 -4.77 4.13 -8.16
C GLY A 115 -5.12 2.73 -8.62
N TYR A 116 -5.68 1.93 -7.72
CA TYR A 116 -6.03 0.54 -8.05
C TYR A 116 -7.17 0.47 -9.07
N THR A 117 -7.17 -0.59 -9.87
CA THR A 117 -8.28 -0.85 -10.78
C THR A 117 -9.45 -1.46 -10.01
N LEU A 118 -10.65 -1.24 -10.53
CA LEU A 118 -11.84 -1.93 -10.05
C LEU A 118 -12.61 -2.51 -11.23
N ASP A 119 -12.74 -3.83 -11.28
CA ASP A 119 -13.41 -4.48 -12.40
C ASP A 119 -14.59 -5.33 -11.93
N VAL A 120 -15.75 -5.10 -12.54
CA VAL A 120 -16.98 -5.74 -12.10
C VAL A 120 -17.53 -6.72 -13.14
N THR A 121 -17.72 -7.97 -12.71
CA THR A 121 -18.38 -8.97 -13.52
C THR A 121 -19.68 -9.39 -12.85
N THR A 122 -20.46 -10.25 -13.52
CA THR A 122 -21.74 -10.68 -12.98
C THR A 122 -21.57 -11.47 -11.69
N GLY A 123 -20.44 -12.15 -11.55
CA GLY A 123 -20.21 -12.97 -10.37
C GLY A 123 -19.14 -12.46 -9.42
N GLN A 124 -18.54 -11.32 -9.74
CA GLN A 124 -17.40 -10.84 -8.96
C GLN A 124 -17.13 -9.33 -9.10
N ARG A 125 -16.74 -8.70 -8.00
CA ARG A 125 -16.23 -7.34 -8.01
C ARG A 125 -14.77 -7.38 -7.56
N LYS A 126 -13.85 -7.00 -8.45
CA LYS A 126 -12.44 -7.20 -8.21
C LYS A 126 -11.66 -5.90 -8.04
N TYR A 127 -10.98 -5.79 -6.90
CA TYR A 127 -10.16 -4.63 -6.56
C TYR A 127 -8.67 -4.99 -6.70
N GLY A 128 -7.96 -4.23 -7.52
CA GLY A 128 -6.56 -4.52 -7.78
C GLY A 128 -6.35 -5.86 -8.47
N GLY A 129 -5.28 -6.56 -8.10
CA GLY A 129 -4.96 -7.85 -8.69
C GLY A 129 -4.60 -7.82 -10.16
N PRO A 130 -3.44 -7.22 -10.49
CA PRO A 130 -2.46 -6.66 -9.56
C PRO A 130 -2.70 -5.19 -9.23
N PRO A 131 -2.00 -4.67 -8.20
CA PRO A 131 -1.95 -3.23 -7.93
C PRO A 131 -1.19 -2.53 -9.05
N PRO A 132 -1.26 -1.18 -9.12
CA PRO A 132 -0.42 -0.49 -10.10
C PRO A 132 1.06 -0.73 -9.85
N HIS A 133 1.85 -0.78 -10.92
CA HIS A 133 3.30 -0.89 -10.83
C HIS A 133 3.77 -2.03 -9.94
N TRP A 134 3.14 -3.19 -10.09
CA TRP A 134 3.59 -4.37 -9.36
C TRP A 134 4.58 -5.17 -10.21
N GLU A 135 5.76 -5.42 -9.66
CA GLU A 135 6.78 -6.18 -10.37
C GLU A 135 7.04 -7.52 -9.68
N GLY A 136 7.18 -8.56 -10.48
CA GLY A 136 7.62 -9.85 -9.98
C GLY A 136 6.50 -10.79 -9.58
N ASN A 137 6.84 -11.72 -8.70
CA ASN A 137 5.93 -12.77 -8.26
C ASN A 137 4.67 -12.24 -7.58
N VAL A 138 3.53 -12.83 -7.92
CA VAL A 138 2.30 -12.56 -7.20
C VAL A 138 2.43 -13.17 -5.81
N PRO A 139 1.78 -12.56 -4.81
CA PRO A 139 1.79 -13.13 -3.45
C PRO A 139 1.28 -14.57 -3.41
N GLY A 140 0.18 -14.87 -4.11
CA GLY A 140 -0.33 -16.23 -4.17
C GLY A 140 -1.25 -16.59 -3.01
N ASN A 141 -1.70 -17.84 -3.00
CA ASN A 141 -2.66 -18.34 -2.01
C ASN A 141 -2.15 -18.26 -0.57
N GLY A 142 -0.83 -18.34 -0.39
CA GLY A 142 -0.25 -18.25 0.93
C GLY A 142 -0.46 -16.91 1.62
N CYS A 143 -0.84 -15.89 0.84
CA CYS A 143 -1.01 -14.54 1.39
C CYS A 143 -2.46 -14.12 1.36
N GLU A 144 -3.35 -15.09 1.13
CA GLU A 144 -4.77 -14.82 0.96
C GLU A 144 -5.59 -15.24 2.17
N VAL A 145 -6.65 -14.50 2.46
CA VAL A 145 -7.61 -14.93 3.46
C VAL A 145 -8.99 -15.05 2.84
N PHE A 146 -9.78 -15.95 3.40
CA PHE A 146 -11.20 -16.05 3.08
C PHE A 146 -11.99 -15.17 4.05
N CYS A 147 -12.92 -14.38 3.53
CA CYS A 147 -13.78 -13.57 4.39
C CYS A 147 -15.24 -13.93 4.16
N GLY A 148 -15.83 -14.63 5.13
CA GLY A 148 -17.20 -15.10 4.98
C GLY A 148 -18.19 -14.41 5.91
N LYS A 149 -19.46 -14.74 5.74
CA LYS A 149 -20.56 -14.14 6.51
C LYS A 149 -20.64 -12.63 6.30
N ILE A 150 -20.30 -12.18 5.10
CA ILE A 150 -20.46 -10.78 4.73
C ILE A 150 -21.94 -10.47 4.52
N PRO A 151 -22.45 -9.39 5.14
CA PRO A 151 -23.82 -8.97 4.86
C PRO A 151 -24.03 -8.74 3.37
N LYS A 152 -25.12 -9.28 2.83
CA LYS A 152 -25.31 -9.32 1.38
C LYS A 152 -25.43 -7.95 0.74
N ASP A 153 -25.64 -6.93 1.56
CA ASP A 153 -25.81 -5.57 1.07
C ASP A 153 -24.49 -4.78 1.10
N MET A 154 -23.42 -5.42 1.57
CA MET A 154 -22.12 -4.76 1.69
C MET A 154 -21.27 -4.87 0.44
N TYR A 155 -20.58 -3.79 0.10
CA TYR A 155 -19.71 -3.77 -1.06
C TYR A 155 -18.29 -3.40 -0.67
N GLU A 156 -17.41 -3.30 -1.65
CA GLU A 156 -15.98 -3.15 -1.37
C GLU A 156 -15.63 -1.76 -0.81
N ASP A 157 -16.56 -0.82 -0.90
CA ASP A 157 -16.32 0.51 -0.35
C ASP A 157 -16.16 0.42 1.18
N GLU A 158 -16.73 -0.62 1.78
CA GLU A 158 -16.62 -0.83 3.21
C GLU A 158 -15.60 -1.90 3.55
N LEU A 159 -15.41 -2.85 2.64
CA LEU A 159 -14.50 -3.96 2.89
C LEU A 159 -13.04 -3.57 2.75
N ILE A 160 -12.74 -2.71 1.78
CA ILE A 160 -11.36 -2.29 1.54
C ILE A 160 -10.74 -1.52 2.72
N PRO A 161 -11.44 -0.50 3.29
CA PRO A 161 -10.80 0.19 4.42
C PRO A 161 -10.60 -0.72 5.63
N LEU A 162 -11.45 -1.74 5.76
CA LEU A 162 -11.32 -2.70 6.85
C LEU A 162 -10.00 -3.49 6.74
N PHE A 163 -9.73 -4.04 5.57
CA PHE A 163 -8.56 -4.90 5.42
C PHE A 163 -7.27 -4.10 5.18
N GLU A 164 -7.41 -2.83 4.80
CA GLU A 164 -6.26 -1.96 4.62
C GLU A 164 -5.45 -1.75 5.91
N ASN A 165 -6.11 -1.88 7.06
CA ASN A 165 -5.44 -1.72 8.35
C ASN A 165 -4.51 -2.90 8.69
N GLY A 167 -2.53 -4.71 6.43
CA GLY A 167 -1.37 -4.77 5.58
C GLY A 167 -1.68 -4.15 4.24
N ILE A 168 -0.90 -4.49 3.21
CA ILE A 168 -1.14 -3.96 1.88
C ILE A 168 -1.95 -4.93 1.04
N ILE A 169 -3.12 -4.49 0.61
CA ILE A 169 -3.98 -5.32 -0.22
C ILE A 169 -3.40 -5.44 -1.62
N TRP A 170 -3.23 -6.69 -2.08
CA TRP A 170 -2.78 -6.94 -3.44
C TRP A 170 -4.01 -7.08 -4.33
N ASP A 171 -5.00 -7.85 -3.86
CA ASP A 171 -6.32 -7.77 -4.46
C ASP A 171 -7.43 -8.13 -3.47
N LEU A 172 -8.65 -7.79 -3.84
CA LEU A 172 -9.83 -8.15 -3.07
C LEU A 172 -10.91 -8.56 -4.05
N ARG A 173 -11.49 -9.72 -3.84
CA ARG A 173 -12.49 -10.25 -4.75
C ARG A 173 -13.77 -10.56 -4.00
N LEU A 174 -14.76 -9.70 -4.17
CA LEU A 174 -16.08 -9.88 -3.58
C LEU A 174 -16.95 -10.70 -4.53
N MET A 175 -17.44 -11.84 -4.06
CA MET A 175 -18.21 -12.73 -4.93
C MET A 175 -19.67 -12.31 -4.96
N MET A 176 -20.26 -12.32 -6.15
CA MET A 176 -21.59 -11.76 -6.36
C MET A 176 -22.60 -12.78 -6.85
N ASP A 177 -23.87 -12.52 -6.53
CA ASP A 177 -24.97 -13.34 -7.02
C ASP A 177 -25.60 -12.68 -8.24
N PRO A 178 -25.34 -13.24 -9.43
CA PRO A 178 -25.83 -12.68 -10.70
C PRO A 178 -27.34 -12.59 -10.74
N MET A 179 -28.01 -13.42 -9.96
CA MET A 179 -29.46 -13.40 -9.86
C MET A 179 -29.96 -12.11 -9.21
N THR A 180 -29.30 -11.71 -8.12
CA THR A 180 -29.80 -10.63 -7.28
C THR A 180 -28.96 -9.35 -7.39
N GLY A 181 -27.70 -9.49 -7.79
CA GLY A 181 -26.83 -8.35 -7.88
C GLY A 181 -26.23 -7.97 -6.53
N THR A 182 -26.54 -8.78 -5.52
CA THR A 182 -25.94 -8.62 -4.20
C THR A 182 -24.84 -9.67 -4.04
N ASN A 183 -24.00 -9.52 -3.02
CA ASN A 183 -22.86 -10.44 -2.88
C ASN A 183 -23.32 -11.83 -2.39
N ARG A 184 -22.44 -12.81 -2.52
CA ARG A 184 -22.71 -14.19 -2.12
C ARG A 184 -22.41 -14.42 -0.65
N GLY A 185 -22.01 -13.36 0.05
CA GLY A 185 -21.72 -13.45 1.46
C GLY A 185 -20.26 -13.80 1.75
N TYR A 186 -19.42 -13.80 0.72
CA TYR A 186 -18.01 -14.04 0.97
C TYR A 186 -17.09 -13.38 -0.05
N ALA A 187 -15.83 -13.26 0.35
CA ALA A 187 -14.80 -12.62 -0.47
C ALA A 187 -13.43 -13.22 -0.17
N PHE A 188 -12.50 -13.00 -1.08
CA PHE A 188 -11.10 -13.32 -0.83
C PHE A 188 -10.29 -12.03 -0.82
N VAL A 189 -9.36 -11.93 0.12
CA VAL A 189 -8.43 -10.82 0.16
C VAL A 189 -6.99 -11.34 0.12
N THR A 190 -6.22 -10.89 -0.88
CA THR A 190 -4.80 -11.24 -0.93
C THR A 190 -3.94 -10.05 -0.51
N PHE A 191 -3.06 -10.29 0.45
CA PHE A 191 -2.12 -9.27 0.89
C PHE A 191 -0.78 -9.49 0.21
N THR A 192 0.15 -8.54 0.39
CA THR A 192 1.44 -8.63 -0.28
C THR A 192 2.40 -9.61 0.41
N ASN A 193 2.12 -9.94 1.67
CA ASN A 193 2.85 -11.03 2.34
C ASN A 193 1.94 -11.81 3.29
N ARG A 194 2.47 -12.89 3.85
CA ARG A 194 1.65 -13.79 4.68
C ARG A 194 1.45 -13.24 6.08
N GLU A 195 2.40 -12.44 6.55
CA GLU A 195 2.29 -11.83 7.88
C GLU A 195 1.03 -10.97 7.95
N ALA A 196 0.77 -10.24 6.88
CA ALA A 196 -0.43 -9.42 6.79
C ALA A 196 -1.68 -10.29 6.80
N ALA A 197 -1.66 -11.38 6.03
CA ALA A 197 -2.78 -12.31 5.97
C ALA A 197 -3.07 -12.91 7.35
N VAL A 198 -2.02 -13.37 8.01
CA VAL A 198 -2.14 -13.94 9.35
C VAL A 198 -2.63 -12.89 10.33
N ASN A 199 -2.18 -11.66 10.14
CA ASN A 199 -2.63 -10.54 10.96
C ASN A 199 -4.12 -10.29 10.81
N ALA A 200 -4.61 -10.37 9.57
CA ALA A 200 -6.01 -10.18 9.28
C ALA A 200 -6.87 -11.24 9.96
N VAL A 201 -6.43 -12.49 9.88
CA VAL A 201 -7.15 -13.59 10.52
C VAL A 201 -7.24 -13.37 12.02
N ARG A 202 -6.11 -13.03 12.64
CA ARG A 202 -6.04 -12.90 14.09
C ARG A 202 -6.89 -11.75 14.61
N GLN A 203 -6.91 -10.64 13.89
CA GLN A 203 -7.56 -9.43 14.37
C GLN A 203 -9.01 -9.29 13.91
N LEU A 204 -9.34 -9.88 12.76
CA LEU A 204 -10.64 -9.64 12.16
C LEU A 204 -11.59 -10.84 12.16
N ASP A 205 -11.12 -12.01 12.56
CA ASP A 205 -12.05 -13.13 12.69
C ASP A 205 -13.05 -12.77 13.78
N ASN A 206 -14.33 -13.00 13.48
CA ASN A 206 -15.44 -12.63 14.36
C ASN A 206 -15.60 -11.13 14.55
N HIS A 207 -15.10 -10.35 13.59
CA HIS A 207 -15.27 -8.89 13.64
C HIS A 207 -16.73 -8.52 13.38
N GLU A 208 -17.33 -7.79 14.31
CA GLU A 208 -18.71 -7.32 14.16
C GLU A 208 -18.76 -6.13 13.19
N ILE A 209 -18.86 -6.43 11.90
CA ILE A 209 -18.76 -5.40 10.87
C ILE A 209 -20.02 -4.54 10.82
N LYS A 210 -21.16 -5.15 11.15
CA LYS A 210 -22.42 -4.44 11.33
C LYS A 210 -23.03 -5.00 12.61
N PRO A 211 -23.92 -4.23 13.28
CA PRO A 211 -24.53 -4.72 14.52
C PRO A 211 -25.13 -6.11 14.39
N GLY A 212 -24.60 -7.04 15.18
CA GLY A 212 -25.10 -8.40 15.19
C GLY A 212 -24.54 -9.27 14.06
N LYS A 213 -23.66 -8.69 13.24
CA LYS A 213 -23.11 -9.43 12.11
C LYS A 213 -21.59 -9.55 12.19
N CYS A 214 -21.12 -10.74 12.54
CA CYS A 214 -19.71 -11.00 12.72
C CYS A 214 -19.10 -11.76 11.54
N LEU A 215 -17.97 -11.27 11.04
CA LEU A 215 -17.30 -11.87 9.89
C LEU A 215 -16.60 -13.17 10.27
N LYS A 216 -16.44 -14.05 9.30
CA LYS A 216 -15.66 -15.26 9.48
C LYS A 216 -14.42 -15.18 8.59
N ILE A 217 -13.26 -15.00 9.20
CA ILE A 217 -12.01 -14.87 8.46
C ILE A 217 -11.14 -16.09 8.64
N ASN A 218 -10.80 -16.74 7.54
CA ASN A 218 -9.93 -17.92 7.57
C ASN A 218 -8.73 -17.76 6.64
N ILE A 219 -7.57 -18.23 7.08
CA ILE A 219 -6.40 -18.23 6.23
C ILE A 219 -6.66 -19.22 5.09
N SER A 220 -6.35 -18.83 3.85
CA SER A 220 -6.63 -19.68 2.71
C SER A 220 -5.78 -20.95 2.74
N VAL A 221 -4.52 -20.80 3.15
CA VAL A 221 -3.62 -21.94 3.27
C VAL A 221 -3.13 -22.06 4.70
N PRO A 222 -3.75 -22.97 5.48
CA PRO A 222 -3.36 -23.19 6.88
C PRO A 222 -1.94 -23.77 6.99
N GLY B 1 35.31 -11.06 28.69
CA GLY B 1 36.11 -11.58 27.59
C GLY B 1 37.42 -10.85 27.41
N GLU B 2 38.35 -11.48 26.71
CA GLU B 2 39.65 -10.87 26.45
C GLU B 2 39.57 -9.92 25.27
N ARG B 3 40.66 -9.20 25.00
CA ARG B 3 40.72 -8.31 23.85
C ARG B 3 40.67 -9.10 22.55
N THR B 4 40.18 -8.48 21.48
CA THR B 4 40.16 -9.14 20.18
C THR B 4 41.54 -9.14 19.55
N GLU B 5 41.71 -9.91 18.49
CA GLU B 5 42.99 -10.02 17.81
C GLU B 5 43.43 -8.71 17.17
N ASP B 6 42.48 -7.81 16.95
CA ASP B 6 42.76 -6.55 16.28
C ASP B 6 43.16 -5.44 17.28
N TYR B 7 43.01 -5.74 18.56
CA TYR B 7 43.41 -4.80 19.62
C TYR B 7 44.87 -4.36 19.50
N PRO B 8 45.82 -5.31 19.42
CA PRO B 8 47.20 -4.82 19.31
C PRO B 8 47.47 -4.11 17.98
N LYS B 9 46.66 -4.39 16.96
CA LYS B 9 46.78 -3.68 15.69
C LYS B 9 46.46 -2.20 15.86
N LEU B 10 45.44 -1.92 16.66
CA LEU B 10 45.05 -0.54 16.95
C LEU B 10 46.17 0.18 17.69
N LEU B 11 46.76 -0.51 18.66
CA LEU B 11 47.85 0.05 19.45
C LEU B 11 49.08 0.32 18.60
N GLU B 12 49.42 -0.64 17.74
CA GLU B 12 50.54 -0.47 16.82
C GLU B 12 50.31 0.74 15.92
N TYR B 13 49.06 0.96 15.54
CA TYR B 13 48.73 2.05 14.65
C TYR B 13 48.90 3.41 15.33
N GLY B 14 48.95 3.41 16.65
CA GLY B 14 49.22 4.62 17.39
C GLY B 14 48.01 5.25 18.05
N LEU B 15 46.92 4.51 18.13
CA LEU B 15 45.75 4.96 18.86
C LEU B 15 46.03 5.02 20.35
N ASP B 16 45.51 6.05 21.01
CA ASP B 16 45.60 6.13 22.47
C ASP B 16 45.03 4.84 23.05
N LYS B 17 45.67 4.31 24.09
CA LYS B 17 45.27 3.04 24.67
C LYS B 17 43.78 3.01 25.03
N LYS B 18 43.29 4.11 25.59
CA LYS B 18 41.88 4.22 25.96
C LYS B 18 40.95 4.18 24.75
N VAL B 19 41.34 4.87 23.68
CA VAL B 19 40.54 4.89 22.46
C VAL B 19 40.54 3.52 21.78
N ALA B 20 41.70 2.86 21.81
CA ALA B 20 41.84 1.55 21.21
C ALA B 20 41.02 0.50 21.95
N GLY B 21 40.91 0.66 23.26
CA GLY B 21 40.17 -0.28 24.08
C GLY B 21 38.67 -0.12 23.87
N LYS B 22 38.23 1.11 23.64
CA LYS B 22 36.82 1.39 23.42
C LYS B 22 36.38 0.89 22.04
N LEU B 23 37.21 1.11 21.04
CA LEU B 23 36.93 0.62 19.69
C LEU B 23 36.94 -0.90 19.66
N ASP B 24 37.81 -1.51 20.47
CA ASP B 24 37.87 -2.96 20.53
C ASP B 24 36.62 -3.54 21.20
N GLU B 25 36.08 -2.82 22.17
CA GLU B 25 34.81 -3.20 22.79
C GLU B 25 33.70 -3.20 21.74
N ILE B 26 33.72 -2.19 20.89
CA ILE B 26 32.77 -2.10 19.78
C ILE B 26 32.95 -3.28 18.83
N TYR B 27 34.20 -3.65 18.57
CA TYR B 27 34.51 -4.81 17.74
C TYR B 27 33.91 -6.10 18.30
N LYS B 28 34.01 -6.26 19.62
CA LYS B 28 33.53 -7.49 20.25
C LYS B 28 32.01 -7.52 20.39
N THR B 29 31.38 -6.36 20.33
CA THR B 29 29.92 -6.29 20.33
C THR B 29 29.38 -6.78 19.00
N GLY B 30 30.09 -6.48 17.92
CA GLY B 30 29.68 -6.87 16.59
C GLY B 30 29.07 -5.70 15.84
N LYS B 31 28.98 -4.56 16.51
CA LYS B 31 28.51 -3.33 15.88
C LYS B 31 29.40 -2.99 14.68
N LEU B 32 30.69 -3.22 14.83
CA LEU B 32 31.66 -2.96 13.78
C LEU B 32 32.67 -4.08 13.64
N ALA B 33 33.24 -4.22 12.45
CA ALA B 33 34.35 -5.14 12.23
C ALA B 33 35.61 -4.34 11.96
N HIS B 34 36.75 -4.85 12.37
CA HIS B 34 38.02 -4.17 12.13
C HIS B 34 38.32 -4.18 10.63
N ALA B 35 37.78 -5.17 9.93
CA ALA B 35 38.04 -5.34 8.51
C ALA B 35 37.29 -4.31 7.66
N GLU B 36 36.42 -3.52 8.29
CA GLU B 36 35.68 -2.49 7.57
C GLU B 36 36.01 -1.09 8.06
N LEU B 37 37.04 -0.97 8.89
CA LEU B 37 37.55 0.34 9.28
C LEU B 37 38.85 0.65 8.54
N ASP B 38 38.74 1.49 7.51
CA ASP B 38 39.89 1.85 6.69
C ASP B 38 40.89 2.69 7.46
N GLU B 39 42.09 2.85 6.91
CA GLU B 39 43.14 3.64 7.55
C GLU B 39 42.74 5.11 7.64
N ARG B 40 41.85 5.53 6.74
CA ARG B 40 41.34 6.90 6.75
C ARG B 40 40.49 7.15 8.00
N ALA B 41 39.65 6.19 8.34
CA ALA B 41 38.78 6.30 9.50
C ALA B 41 39.59 6.26 10.81
N LEU B 42 40.63 5.44 10.83
CA LEU B 42 41.49 5.34 12.01
C LEU B 42 42.30 6.63 12.21
N ASP B 43 42.77 7.21 11.11
CA ASP B 43 43.47 8.49 11.15
C ASP B 43 42.58 9.59 11.70
N ALA B 44 41.33 9.61 11.24
CA ALA B 44 40.35 10.58 11.71
C ALA B 44 40.11 10.40 13.20
N LEU B 45 40.03 9.15 13.63
CA LEU B 45 39.84 8.83 15.04
C LEU B 45 41.07 9.25 15.84
N LYS B 46 42.24 9.06 15.25
CA LYS B 46 43.50 9.42 15.89
C LYS B 46 43.65 10.93 16.03
N GLU B 47 43.08 11.66 15.08
CA GLU B 47 43.18 13.12 15.08
C GLU B 47 42.29 13.75 16.15
N PHE B 48 41.38 12.95 16.69
CA PHE B 48 40.48 13.42 17.74
C PHE B 48 41.20 13.61 19.07
N PRO B 49 40.81 14.64 19.84
CA PRO B 49 41.23 14.70 21.24
C PRO B 49 40.71 13.46 21.95
N VAL B 50 41.46 12.94 22.90
CA VAL B 50 41.14 11.64 23.49
C VAL B 50 39.71 11.55 24.01
N ASP B 51 39.32 12.48 24.88
CA ASP B 51 37.98 12.46 25.46
C ASP B 51 36.91 12.74 24.40
N GLY B 52 37.31 13.40 23.31
CA GLY B 52 36.42 13.57 22.18
C GLY B 52 36.17 12.23 21.51
N ALA B 53 37.25 11.49 21.28
CA ALA B 53 37.17 10.18 20.67
C ALA B 53 36.34 9.21 21.51
N LEU B 54 36.51 9.29 22.83
CA LEU B 54 35.79 8.44 23.77
C LEU B 54 34.28 8.70 23.69
N ASN B 55 33.91 9.96 23.53
CA ASN B 55 32.51 10.34 23.43
C ASN B 55 31.88 9.85 22.13
N VAL B 56 32.61 9.99 21.03
CA VAL B 56 32.14 9.52 19.73
C VAL B 56 31.92 8.02 19.74
N LEU B 57 32.92 7.28 20.22
CA LEU B 57 32.81 5.83 20.36
C LEU B 57 31.73 5.46 21.37
N GLY B 58 31.57 6.33 22.38
CA GLY B 58 30.56 6.11 23.40
C GLY B 58 29.17 6.29 22.84
N GLN B 59 29.00 7.32 22.01
CA GLN B 59 27.70 7.58 21.37
C GLN B 59 27.38 6.47 20.38
N PHE B 60 28.41 5.95 19.70
CA PHE B 60 28.23 4.88 18.74
C PHE B 60 27.81 3.59 19.44
N LEU B 61 28.49 3.26 20.53
CA LEU B 61 28.21 2.03 21.26
C LEU B 61 26.83 2.09 21.92
N GLU B 62 26.39 3.29 22.27
CA GLU B 62 25.12 3.47 22.97
C GLU B 62 24.02 4.00 22.06
N SER B 63 24.10 3.69 20.77
CA SER B 63 23.07 4.12 19.83
C SER B 63 22.32 2.92 19.26
N ASN B 64 21.05 3.12 18.92
CA ASN B 64 20.27 2.09 18.26
C ASN B 64 20.72 1.91 16.82
N LEU B 65 21.50 0.86 16.57
CA LEU B 65 22.07 0.64 15.26
C LEU B 65 21.26 -0.36 14.43
N GLU B 66 20.07 -0.71 14.92
CA GLU B 66 19.17 -1.56 14.17
C GLU B 66 18.83 -0.89 12.84
N HIS B 67 18.78 -1.70 11.78
CA HIS B 67 18.45 -1.23 10.43
C HIS B 67 19.48 -0.26 9.85
N VAL B 68 20.67 -0.22 10.44
CA VAL B 68 21.78 0.54 9.87
C VAL B 68 22.63 -0.38 9.02
N SER B 69 22.48 -0.27 7.71
CA SER B 69 23.16 -1.18 6.77
C SER B 69 24.64 -0.85 6.62
N ASN B 70 25.06 0.31 7.12
CA ASN B 70 26.45 0.72 7.03
C ASN B 70 26.95 1.30 8.34
N LYS B 71 27.36 0.42 9.25
CA LYS B 71 27.86 0.84 10.56
C LYS B 71 29.12 1.69 10.45
N SER B 72 29.99 1.34 9.50
CA SER B 72 31.25 2.06 9.30
C SER B 72 31.01 3.51 8.90
N ALA B 73 30.20 3.72 7.86
CA ALA B 73 29.89 5.06 7.39
C ALA B 73 29.09 5.84 8.42
N TYR B 74 28.37 5.12 9.28
CA TYR B 74 27.61 5.74 10.35
C TYR B 74 28.56 6.38 11.37
N LEU B 75 29.54 5.61 11.84
CA LEU B 75 30.53 6.11 12.78
C LEU B 75 31.25 7.34 12.23
N CYS B 76 31.60 7.28 10.95
CA CYS B 76 32.24 8.41 10.28
C CYS B 76 31.33 9.62 10.29
N GLY B 77 30.02 9.38 10.19
CA GLY B 77 29.04 10.45 10.24
C GLY B 77 28.99 11.08 11.61
N VAL B 78 29.12 10.26 12.65
CA VAL B 78 29.15 10.74 14.02
C VAL B 78 30.41 11.58 14.27
N MET B 79 31.52 11.16 13.68
CA MET B 79 32.79 11.86 13.85
C MET B 79 32.76 13.25 13.21
N LYS B 80 32.16 13.36 12.03
CA LYS B 80 32.05 14.65 11.35
C LYS B 80 31.20 15.63 12.15
N THR B 81 30.19 15.11 12.84
CA THR B 81 29.31 15.93 13.65
C THR B 81 30.05 16.51 14.85
N TYR B 82 30.78 15.65 15.55
CA TYR B 82 31.57 16.08 16.69
C TYR B 82 32.69 17.02 16.24
N ARG B 83 33.10 16.86 14.98
CA ARG B 83 34.13 17.71 14.39
C ARG B 83 33.57 19.04 13.92
N GLY B 101 15.53 5.55 20.08
CA GLY B 101 14.80 5.25 18.85
C GLY B 101 13.31 5.09 19.09
N PRO B 102 12.61 4.51 18.09
CA PRO B 102 11.17 4.26 18.17
C PRO B 102 10.80 3.01 18.96
N ASP B 103 9.51 2.80 19.18
CA ASP B 103 9.02 1.57 19.80
C ASP B 103 9.34 0.41 18.86
N GLU B 104 10.28 -0.43 19.29
CA GLU B 104 10.80 -1.50 18.45
C GLU B 104 9.74 -2.51 18.02
N ASP B 105 8.71 -2.71 18.82
CA ASP B 105 7.70 -3.71 18.53
C ASP B 105 6.62 -3.14 17.61
N LYS B 106 6.40 -1.84 17.66
CA LYS B 106 5.55 -1.16 16.68
C LYS B 106 6.21 -1.21 15.32
N ILE B 107 7.50 -0.88 15.30
CA ILE B 107 8.30 -0.91 14.08
C ILE B 107 8.33 -2.32 13.49
N LYS B 108 8.54 -3.31 14.35
CA LYS B 108 8.59 -4.70 13.94
C LYS B 108 7.29 -5.11 13.26
N LYS B 109 6.17 -4.73 13.86
CA LYS B 109 4.86 -5.09 13.32
C LYS B 109 4.59 -4.38 12.00
N ILE B 110 5.03 -3.14 11.89
CA ILE B 110 4.85 -2.38 10.66
C ILE B 110 5.67 -2.99 9.51
N LEU B 111 6.95 -3.23 9.76
CA LEU B 111 7.83 -3.80 8.73
C LEU B 111 7.37 -5.20 8.32
N GLU B 112 6.90 -5.99 9.28
CA GLU B 112 6.40 -7.33 8.98
C GLU B 112 5.20 -7.32 8.03
N ARG B 113 4.28 -6.42 8.27
CA ARG B 113 3.00 -6.44 7.57
C ARG B 113 3.04 -5.75 6.21
N THR B 114 4.02 -4.88 5.99
CA THR B 114 4.15 -4.21 4.70
C THR B 114 5.32 -4.79 3.91
N GLY B 115 6.30 -5.32 4.62
CA GLY B 115 7.49 -5.88 3.99
C GLY B 115 8.48 -4.82 3.57
N TYR B 116 8.19 -3.57 3.92
CA TYR B 116 9.05 -2.44 3.55
C TYR B 116 10.40 -2.48 4.23
N THR B 117 11.43 -1.98 3.53
CA THR B 117 12.74 -1.81 4.13
C THR B 117 12.75 -0.61 5.05
N LEU B 118 13.61 -0.67 6.07
CA LEU B 118 13.90 0.48 6.91
C LEU B 118 15.41 0.66 6.97
N ASP B 119 15.90 1.81 6.54
CA ASP B 119 17.33 2.07 6.54
CA ASP B 119 17.34 2.06 6.53
C ASP B 119 17.66 3.37 7.28
N VAL B 120 18.52 3.26 8.28
CA VAL B 120 18.88 4.41 9.11
C VAL B 120 20.32 4.84 8.89
N THR B 121 20.50 6.13 8.57
CA THR B 121 21.81 6.74 8.53
C THR B 121 21.86 7.83 9.60
N THR B 122 23.01 8.51 9.71
CA THR B 122 23.19 9.54 10.72
C THR B 122 22.17 10.69 10.57
N GLY B 123 21.84 11.03 9.34
CA GLY B 123 20.95 12.16 9.09
C GLY B 123 19.58 11.80 8.56
N GLN B 124 19.25 10.52 8.52
CA GLN B 124 17.98 10.09 7.93
C GLN B 124 17.54 8.69 8.34
N ARG B 125 16.24 8.52 8.53
CA ARG B 125 15.63 7.21 8.67
C ARG B 125 14.66 6.99 7.51
N LYS B 126 15.02 6.13 6.57
CA LYS B 126 14.22 5.96 5.36
C LYS B 126 13.36 4.70 5.38
N TYR B 127 12.06 4.91 5.24
CA TYR B 127 11.09 3.83 5.17
C TYR B 127 10.72 3.57 3.71
N GLY B 128 10.92 2.35 3.24
CA GLY B 128 10.65 2.01 1.85
C GLY B 128 11.58 2.71 0.88
N GLY B 129 11.04 3.14 -0.26
CA GLY B 129 11.81 3.85 -1.26
C GLY B 129 12.96 3.05 -1.88
N PRO B 130 12.62 2.09 -2.75
CA PRO B 130 11.26 1.74 -3.19
C PRO B 130 10.55 0.77 -2.23
N PRO B 131 9.23 0.65 -2.36
CA PRO B 131 8.48 -0.45 -1.73
C PRO B 131 8.92 -1.78 -2.35
N PRO B 132 8.56 -2.91 -1.73
CA PRO B 132 8.83 -4.18 -2.39
C PRO B 132 8.03 -4.30 -3.69
N HIS B 133 8.63 -4.92 -4.70
CA HIS B 133 7.93 -5.24 -5.94
C HIS B 133 7.41 -4.02 -6.68
N TRP B 134 8.15 -2.92 -6.59
CA TRP B 134 7.76 -1.71 -7.31
C TRP B 134 8.27 -1.74 -8.74
N GLU B 135 7.38 -1.49 -9.68
CA GLU B 135 7.73 -1.54 -11.10
C GLU B 135 7.84 -0.14 -11.69
N GLY B 136 8.85 0.07 -12.53
CA GLY B 136 8.98 1.30 -13.28
C GLY B 136 9.64 2.44 -12.54
N ASN B 137 9.39 3.65 -13.03
CA ASN B 137 9.99 4.86 -12.48
C ASN B 137 9.49 5.17 -11.07
N VAL B 138 10.27 5.97 -10.34
CA VAL B 138 9.84 6.47 -9.05
C VAL B 138 8.70 7.47 -9.26
N PRO B 139 7.83 7.65 -8.26
CA PRO B 139 6.73 8.60 -8.40
C PRO B 139 7.22 10.03 -8.66
N GLY B 140 8.34 10.39 -8.03
CA GLY B 140 8.90 11.71 -8.19
C GLY B 140 8.41 12.69 -7.14
N ASN B 141 8.66 13.98 -7.38
CA ASN B 141 8.34 15.00 -6.39
C ASN B 141 6.92 15.54 -6.50
N GLY B 142 6.24 15.20 -7.60
CA GLY B 142 4.84 15.55 -7.75
C GLY B 142 3.97 14.80 -6.75
N CYS B 143 4.45 13.63 -6.33
CA CYS B 143 3.71 12.79 -5.39
C CYS B 143 4.25 12.91 -3.96
N GLU B 144 5.09 13.91 -3.74
CA GLU B 144 5.78 14.05 -2.46
C GLU B 144 5.23 15.22 -1.67
N VAL B 145 5.14 15.05 -0.35
CA VAL B 145 4.79 16.17 0.52
C VAL B 145 5.89 16.42 1.56
N PHE B 146 5.98 17.67 1.99
CA PHE B 146 6.84 18.07 3.09
C PHE B 146 6.03 18.04 4.39
N CYS B 147 6.60 17.42 5.43
CA CYS B 147 5.95 17.38 6.73
C CYS B 147 6.85 18.02 7.78
N GLY B 148 6.56 19.28 8.12
CA GLY B 148 7.36 20.01 9.06
C GLY B 148 6.74 20.12 10.45
N LYS B 149 7.49 20.74 11.36
CA LYS B 149 7.08 20.94 12.74
C LYS B 149 6.75 19.62 13.45
N ILE B 150 7.49 18.57 13.10
CA ILE B 150 7.37 17.29 13.79
C ILE B 150 8.04 17.37 15.15
N PRO B 151 7.30 16.98 16.21
CA PRO B 151 7.89 16.89 17.56
C PRO B 151 9.17 16.05 17.55
N LYS B 152 10.23 16.58 18.14
CA LYS B 152 11.55 15.97 18.07
C LYS B 152 11.61 14.55 18.64
N ASP B 153 10.69 14.21 19.53
CA ASP B 153 10.69 12.90 20.17
C ASP B 153 10.04 11.83 19.30
N MET B 154 9.38 12.25 18.23
CA MET B 154 8.64 11.32 17.39
C MET B 154 9.50 10.61 16.35
N TYR B 155 9.12 9.37 16.03
CA TYR B 155 9.80 8.60 15.00
C TYR B 155 8.80 8.01 14.03
N GLU B 156 9.28 7.24 13.06
CA GLU B 156 8.43 6.78 11.96
C GLU B 156 7.37 5.78 12.40
N ASP B 157 7.50 5.24 13.60
CA ASP B 157 6.51 4.29 14.12
C ASP B 157 5.15 4.98 14.30
N GLU B 158 5.18 6.29 14.48
CA GLU B 158 3.95 7.05 14.65
C GLU B 158 3.59 7.82 13.38
N LEU B 159 4.59 8.16 12.59
CA LEU B 159 4.38 8.91 11.36
C LEU B 159 3.79 8.06 10.24
N ILE B 160 4.28 6.83 10.12
CA ILE B 160 3.82 5.92 9.06
C ILE B 160 2.31 5.61 9.14
N PRO B 161 1.78 5.22 10.31
CA PRO B 161 0.34 4.95 10.34
C PRO B 161 -0.50 6.19 10.05
N LEU B 162 0.05 7.36 10.36
CA LEU B 162 -0.65 8.62 10.10
C LEU B 162 -0.83 8.84 8.60
N PHE B 163 0.25 8.67 7.84
CA PHE B 163 0.21 8.96 6.41
C PHE B 163 -0.36 7.81 5.57
N GLU B 164 -0.42 6.61 6.15
CA GLU B 164 -0.99 5.45 5.45
C GLU B 164 -2.47 5.65 5.12
N ASN B 165 -3.17 6.45 5.93
CA ASN B 165 -4.58 6.71 5.71
C ASN B 165 -4.86 7.60 4.50
N GLY B 167 -3.15 7.34 1.61
CA GLY B 167 -2.90 6.56 0.41
C GLY B 167 -1.75 5.62 0.63
N ILE B 168 -1.06 5.23 -0.44
CA ILE B 168 0.02 4.26 -0.33
C ILE B 168 1.38 4.94 -0.31
N ILE B 169 2.06 4.81 0.82
CA ILE B 169 3.38 5.37 0.99
C ILE B 169 4.37 4.69 0.06
N TRP B 170 5.05 5.46 -0.77
CA TRP B 170 6.12 4.93 -1.58
C TRP B 170 7.42 4.99 -0.78
N ASP B 171 7.68 6.14 -0.16
CA ASP B 171 8.75 6.23 0.82
C ASP B 171 8.41 7.25 1.90
N LEU B 172 9.15 7.21 3.00
CA LEU B 172 9.05 8.21 4.04
C LEU B 172 10.44 8.43 4.61
N ARG B 173 10.89 9.68 4.60
CA ARG B 173 12.25 9.99 5.04
C ARG B 173 12.24 10.98 6.19
N LEU B 174 12.44 10.47 7.40
CA LEU B 174 12.54 11.32 8.57
C LEU B 174 13.97 11.82 8.72
N MET B 175 14.16 13.13 8.61
CA MET B 175 15.50 13.72 8.71
C MET B 175 15.94 13.78 10.17
N MET B 176 17.17 13.36 10.43
CA MET B 176 17.65 13.17 11.79
C MET B 176 18.79 14.12 12.16
N ASP B 177 18.87 14.46 13.43
CA ASP B 177 19.97 15.24 13.96
C ASP B 177 21.07 14.30 14.47
N PRO B 178 22.19 14.23 13.72
CA PRO B 178 23.28 13.32 14.06
C PRO B 178 23.89 13.61 15.43
N MET B 179 23.67 14.81 15.94
CA MET B 179 24.19 15.22 17.25
C MET B 179 23.18 14.92 18.36
N THR B 180 22.02 15.56 18.27
CA THR B 180 21.00 15.45 19.31
C THR B 180 20.44 14.05 19.45
N GLY B 181 20.34 13.34 18.33
CA GLY B 181 19.76 12.00 18.32
C GLY B 181 18.29 12.04 17.96
N THR B 182 17.67 13.21 18.15
CA THR B 182 16.29 13.41 17.78
C THR B 182 16.18 13.71 16.29
N ASN B 183 14.96 13.88 15.78
CA ASN B 183 14.79 14.26 14.39
C ASN B 183 15.01 15.75 14.20
N ARG B 184 15.18 16.17 12.94
CA ARG B 184 15.43 17.57 12.63
C ARG B 184 14.11 18.35 12.56
N GLY B 185 13.01 17.69 12.88
CA GLY B 185 11.72 18.35 12.96
C GLY B 185 10.92 18.32 11.67
N TYR B 186 11.42 17.60 10.67
CA TYR B 186 10.70 17.51 9.40
C TYR B 186 11.01 16.22 8.65
N ALA B 187 10.16 15.92 7.66
CA ALA B 187 10.30 14.71 6.88
C ALA B 187 9.68 14.91 5.50
N PHE B 188 10.00 14.02 4.58
CA PHE B 188 9.33 13.99 3.28
C PHE B 188 8.59 12.66 3.12
N VAL B 189 7.39 12.72 2.54
CA VAL B 189 6.63 11.51 2.28
C VAL B 189 6.22 11.47 0.81
N THR B 190 6.65 10.43 0.10
CA THR B 190 6.22 10.24 -1.28
C THR B 190 5.14 9.15 -1.33
N PHE B 191 4.03 9.48 -1.98
CA PHE B 191 2.98 8.51 -2.22
C PHE B 191 3.10 7.95 -3.64
N THR B 192 2.33 6.92 -3.95
CA THR B 192 2.44 6.29 -5.26
C THR B 192 1.74 7.10 -6.35
N ASN B 193 0.91 8.06 -5.95
CA ASN B 193 0.35 8.99 -6.92
C ASN B 193 0.09 10.39 -6.35
N ARG B 194 -0.25 11.32 -7.24
CA ARG B 194 -0.45 12.72 -6.89
C ARG B 194 -1.64 12.95 -5.96
N GLU B 195 -2.71 12.22 -6.21
CA GLU B 195 -3.97 12.42 -5.50
C GLU B 195 -3.81 12.13 -4.01
N ALA B 196 -3.00 11.12 -3.67
CA ALA B 196 -2.74 10.80 -2.28
C ALA B 196 -1.96 11.92 -1.60
N ALA B 197 -1.00 12.48 -2.32
CA ALA B 197 -0.22 13.60 -1.81
C ALA B 197 -1.12 14.80 -1.50
N VAL B 198 -1.97 15.17 -2.47
CA VAL B 198 -2.92 16.26 -2.28
C VAL B 198 -3.85 15.95 -1.12
N ASN B 199 -4.28 14.69 -1.06
CA ASN B 199 -5.10 14.20 0.04
C ASN B 199 -4.43 14.44 1.40
N ALA B 200 -3.14 14.17 1.49
CA ALA B 200 -2.37 14.37 2.72
C ALA B 200 -2.28 15.85 3.10
N VAL B 201 -2.03 16.71 2.12
CA VAL B 201 -1.99 18.14 2.36
C VAL B 201 -3.33 18.63 2.89
N ARG B 202 -4.40 18.22 2.23
CA ARG B 202 -5.75 18.66 2.55
C ARG B 202 -6.17 18.26 3.96
N GLN B 203 -5.83 17.02 4.35
CA GLN B 203 -6.35 16.46 5.59
C GLN B 203 -5.40 16.54 6.78
N LEU B 204 -4.10 16.65 6.54
CA LEU B 204 -3.14 16.58 7.64
C LEU B 204 -2.41 17.89 7.93
N ASP B 205 -2.60 18.90 7.09
CA ASP B 205 -2.01 20.20 7.37
C ASP B 205 -2.65 20.75 8.64
N ASN B 206 -1.82 21.29 9.53
CA ASN B 206 -2.25 21.79 10.84
C ASN B 206 -2.84 20.72 11.75
N HIS B 207 -2.47 19.46 11.52
CA HIS B 207 -2.94 18.37 12.37
C HIS B 207 -2.22 18.37 13.71
N GLU B 208 -2.98 18.38 14.80
CA GLU B 208 -2.41 18.33 16.13
C GLU B 208 -1.96 16.90 16.45
N ILE B 209 -0.74 16.56 16.07
CA ILE B 209 -0.21 15.22 16.26
C ILE B 209 0.13 14.98 17.72
N LYS B 210 0.39 16.08 18.44
CA LYS B 210 0.73 16.04 19.86
C LYS B 210 0.14 17.29 20.48
N PRO B 211 -0.23 17.22 21.77
CA PRO B 211 -0.84 18.38 22.46
C PRO B 211 -0.06 19.67 22.25
N GLY B 212 -0.68 20.61 21.54
CA GLY B 212 -0.08 21.90 21.26
C GLY B 212 0.81 21.89 20.02
N LYS B 213 1.03 20.70 19.46
CA LYS B 213 1.95 20.54 18.33
C LYS B 213 1.20 20.26 17.03
N CYS B 214 1.21 21.23 16.13
CA CYS B 214 0.53 21.09 14.84
C CYS B 214 1.50 20.96 13.69
N LEU B 215 1.32 19.91 12.89
CA LEU B 215 2.18 19.65 11.74
C LEU B 215 1.97 20.66 10.62
N LYS B 216 3.01 20.85 9.81
CA LYS B 216 2.90 21.70 8.62
CA LYS B 216 2.90 21.70 8.62
C LYS B 216 3.13 20.85 7.38
N ILE B 217 2.06 20.62 6.63
CA ILE B 217 2.16 19.78 5.43
C ILE B 217 2.06 20.62 4.16
N ASN B 218 3.10 20.54 3.33
CA ASN B 218 3.12 21.26 2.06
C ASN B 218 3.40 20.31 0.89
N ILE B 219 2.70 20.52 -0.21
CA ILE B 219 2.99 19.78 -1.43
C ILE B 219 4.38 20.23 -1.92
N SER B 220 5.22 19.27 -2.30
CA SER B 220 6.59 19.59 -2.71
C SER B 220 6.59 20.35 -4.04
N VAL B 221 5.70 19.96 -4.93
CA VAL B 221 5.57 20.65 -6.22
C VAL B 221 4.17 21.22 -6.36
N PRO B 222 4.02 22.53 -6.08
CA PRO B 222 2.76 23.25 -6.25
C PRO B 222 2.30 23.29 -7.71
#